data_1IFQ
#
_entry.id   1IFQ
#
_cell.length_a   50.244
_cell.length_b   57.056
_cell.length_c   99.009
_cell.angle_alpha   90.00
_cell.angle_beta   90.00
_cell.angle_gamma   90.00
#
_symmetry.space_group_name_H-M   'P 21 21 21'
#
loop_
_entity.id
_entity.type
_entity.pdbx_description
1 polymer 'vesicle trafficking protein Sec22b'
2 non-polymer GLYCEROL
3 water water
#
_entity_poly.entity_id   1
_entity_poly.type   'polypeptide(L)'
_entity_poly.pdbx_seq_one_letter_code
;MRGSHHHHHHGSVLLT(MSE)IARVADGLPLAAS(MSE)QEDEQSGRDLQQYQSQAKQLFRKLNEQSPTRCTLEAGA
(MSE)TFHYIIEQGVCYLVLCEAAFPKKLAFAYLEDLHSEFDEQHGKKVPTVSRPYSFIEFDTFIQKTKKLYI
;
_entity_poly.pdbx_strand_id   A,B
#
loop_
_chem_comp.id
_chem_comp.type
_chem_comp.name
_chem_comp.formula
GOL non-polymer GLYCEROL 'C3 H8 O3'
#
# COMPACT_ATOMS: atom_id res chain seq x y z
N SER A 12 -1.64 -10.17 -14.71
CA SER A 12 -0.62 -11.17 -14.22
C SER A 12 0.80 -10.65 -14.45
N VAL A 13 1.26 -9.75 -13.60
CA VAL A 13 2.59 -9.17 -13.74
C VAL A 13 3.40 -9.15 -12.47
N LEU A 14 4.65 -8.74 -12.60
CA LEU A 14 5.58 -8.62 -11.50
C LEU A 14 6.52 -7.43 -11.73
N LEU A 15 5.95 -6.23 -11.71
CA LEU A 15 6.73 -5.00 -11.92
C LEU A 15 7.67 -4.97 -10.73
N THR A 16 8.94 -5.19 -11.02
CA THR A 16 9.94 -5.29 -9.96
C THR A 16 10.98 -4.19 -9.90
N MSE A 17 11.26 -3.73 -8.69
CA MSE A 17 12.23 -2.67 -8.50
C MSE A 17 13.10 -2.94 -7.28
O MSE A 17 12.59 -3.28 -6.21
CB MSE A 17 11.50 -1.34 -8.34
CG MSE A 17 12.42 -0.13 -8.17
SE MSE A 17 12.27 1.16 -9.63
CE MSE A 17 10.39 1.50 -9.49
N ILE A 18 14.41 -2.77 -7.43
CA ILE A 18 15.33 -2.98 -6.31
C ILE A 18 16.09 -1.69 -6.11
N ALA A 19 16.02 -1.13 -4.90
CA ALA A 19 16.69 0.14 -4.60
C ALA A 19 17.37 0.15 -3.25
N ARG A 20 18.41 0.95 -3.11
CA ARG A 20 19.15 1.05 -1.85
C ARG A 20 18.34 1.92 -0.91
N VAL A 21 18.08 1.39 0.28
CA VAL A 21 17.29 2.09 1.26
C VAL A 21 17.84 3.44 1.67
N ALA A 22 19.12 3.48 2.05
CA ALA A 22 19.76 4.70 2.49
C ALA A 22 19.34 5.95 1.75
N ASP A 23 19.38 5.87 0.43
CA ASP A 23 19.06 7.02 -0.42
C ASP A 23 18.15 6.72 -1.60
N GLY A 24 17.53 5.55 -1.61
CA GLY A 24 16.64 5.22 -2.72
C GLY A 24 17.27 5.07 -4.09
N LEU A 25 18.59 4.90 -4.16
CA LEU A 25 19.21 4.74 -5.46
C LEU A 25 18.71 3.45 -6.12
N PRO A 26 18.22 3.55 -7.38
CA PRO A 26 17.74 2.32 -8.01
C PRO A 26 18.95 1.40 -8.20
N LEU A 27 18.73 0.09 -8.20
CA LEU A 27 19.83 -0.86 -8.38
C LEU A 27 19.61 -1.69 -9.64
N ALA A 28 18.46 -2.36 -9.68
CA ALA A 28 18.08 -3.18 -10.82
C ALA A 28 16.58 -3.07 -10.88
N ALA A 29 16.01 -3.41 -12.03
CA ALA A 29 14.57 -3.32 -12.20
C ALA A 29 14.10 -4.01 -13.47
N SER A 30 12.82 -4.35 -13.49
CA SER A 30 12.16 -5.00 -14.61
C SER A 30 10.71 -4.56 -14.52
N MSE A 31 10.50 -3.27 -14.78
CA MSE A 31 9.18 -2.63 -14.74
C MSE A 31 8.28 -3.04 -15.89
O MSE A 31 7.33 -3.79 -15.72
CB MSE A 31 9.34 -1.10 -14.76
CG MSE A 31 10.08 -0.49 -13.58
SE MSE A 31 9.26 -0.89 -11.87
CE MSE A 31 7.56 -0.03 -12.13
N GLN A 32 8.56 -2.51 -17.08
CA GLN A 32 7.77 -2.77 -18.26
C GLN A 32 7.43 -4.24 -18.50
N GLU A 33 6.24 -4.45 -19.07
CA GLU A 33 5.74 -5.79 -19.40
C GLU A 33 5.07 -5.74 -20.78
N ASP A 34 4.53 -6.87 -21.22
CA ASP A 34 3.85 -6.97 -22.51
C ASP A 34 2.87 -5.83 -22.71
N GLU A 35 3.30 -4.80 -23.44
CA GLU A 35 2.46 -3.64 -23.72
C GLU A 35 1.88 -3.05 -22.43
N GLN A 36 2.68 -2.25 -21.75
CA GLN A 36 2.24 -1.59 -20.52
C GLN A 36 1.67 -0.24 -20.95
N SER A 37 1.02 0.47 -20.04
CA SER A 37 0.46 1.78 -20.37
C SER A 37 1.31 2.88 -19.74
N GLY A 38 1.83 3.75 -20.58
CA GLY A 38 2.67 4.85 -20.11
C GLY A 38 2.11 5.52 -18.86
N ARG A 39 0.80 5.73 -18.84
CA ARG A 39 0.14 6.36 -17.71
C ARG A 39 0.39 5.56 -16.42
N ASP A 40 0.04 4.28 -16.45
CA ASP A 40 0.24 3.42 -15.29
C ASP A 40 1.72 3.28 -14.92
N LEU A 41 2.54 2.86 -15.88
CA LEU A 41 3.97 2.68 -15.63
C LEU A 41 4.62 3.88 -14.94
N GLN A 42 4.18 5.08 -15.32
CA GLN A 42 4.72 6.29 -14.71
C GLN A 42 4.24 6.40 -13.28
N GLN A 43 2.94 6.17 -13.05
CA GLN A 43 2.34 6.25 -11.72
C GLN A 43 2.89 5.18 -10.79
N TYR A 44 3.21 4.03 -11.37
CA TYR A 44 3.75 2.92 -10.58
C TYR A 44 5.16 3.26 -10.11
N GLN A 45 5.98 3.83 -11.00
CA GLN A 45 7.34 4.19 -10.63
C GLN A 45 7.38 5.34 -9.63
N SER A 46 6.47 6.30 -9.78
CA SER A 46 6.44 7.46 -8.91
C SER A 46 6.01 7.03 -7.51
N GLN A 47 5.05 6.11 -7.44
CA GLN A 47 4.60 5.59 -6.14
C GLN A 47 5.77 4.85 -5.48
N ALA A 48 6.59 4.19 -6.29
CA ALA A 48 7.74 3.46 -5.77
C ALA A 48 8.71 4.42 -5.09
N LYS A 49 9.03 5.53 -5.76
CA LYS A 49 9.94 6.54 -5.20
C LYS A 49 9.46 7.05 -3.84
N GLN A 50 8.18 7.41 -3.76
CA GLN A 50 7.61 7.93 -2.52
C GLN A 50 7.65 6.89 -1.41
N LEU A 51 7.85 5.65 -1.81
CA LEU A 51 7.91 4.56 -0.84
C LEU A 51 9.35 4.47 -0.34
N PHE A 52 10.27 4.53 -1.28
CA PHE A 52 11.69 4.45 -0.97
C PHE A 52 12.18 5.60 -0.09
N ARG A 53 11.87 6.82 -0.50
CA ARG A 53 12.25 8.03 0.24
C ARG A 53 11.79 7.97 1.69
N LYS A 54 10.69 7.30 1.95
CA LYS A 54 10.17 7.23 3.30
C LYS A 54 10.77 6.12 4.17
N LEU A 55 11.38 5.12 3.54
CA LEU A 55 11.95 4.01 4.30
C LEU A 55 13.05 4.40 5.29
N ASN A 56 13.01 3.80 6.47
CA ASN A 56 14.00 4.06 7.51
C ASN A 56 14.17 2.80 8.35
N GLU A 57 14.87 2.91 9.47
CA GLU A 57 15.11 1.77 10.35
C GLU A 57 13.81 1.30 11.04
N GLN A 58 12.88 2.23 11.26
CA GLN A 58 11.61 1.91 11.90
C GLN A 58 10.64 1.20 10.96
N SER A 59 11.01 1.12 9.67
CA SER A 59 10.14 0.47 8.70
C SER A 59 10.06 -1.04 8.84
N PRO A 60 8.94 -1.63 8.38
CA PRO A 60 8.78 -3.07 8.46
C PRO A 60 9.71 -3.68 7.43
N THR A 61 10.31 -4.82 7.75
CA THR A 61 11.21 -5.47 6.81
C THR A 61 10.41 -6.23 5.75
N ARG A 62 9.15 -6.48 6.04
CA ARG A 62 8.27 -7.16 5.09
C ARG A 62 6.99 -6.33 5.11
N CYS A 63 6.34 -6.16 3.96
CA CYS A 63 5.14 -5.33 3.93
C CYS A 63 4.32 -5.47 2.65
N THR A 64 3.01 -5.34 2.79
CA THR A 64 2.07 -5.44 1.69
C THR A 64 1.25 -4.16 1.69
N LEU A 65 1.21 -3.47 0.55
CA LEU A 65 0.49 -2.19 0.44
C LEU A 65 -0.56 -2.18 -0.65
N GLU A 66 -1.83 -2.06 -0.23
CA GLU A 66 -2.98 -2.05 -1.13
C GLU A 66 -3.15 -0.79 -1.96
N ALA A 67 -3.47 -1.00 -3.24
CA ALA A 67 -3.69 0.10 -4.16
C ALA A 67 -4.71 -0.25 -5.22
N GLY A 68 -5.86 -0.74 -4.78
CA GLY A 68 -6.93 -1.11 -5.70
C GLY A 68 -6.72 -2.41 -6.43
N ALA A 69 -6.70 -2.33 -7.76
CA ALA A 69 -6.51 -3.50 -8.60
C ALA A 69 -5.09 -4.01 -8.41
N MSE A 70 -4.21 -3.12 -7.94
CA MSE A 70 -2.81 -3.44 -7.75
C MSE A 70 -2.39 -3.50 -6.28
O MSE A 70 -2.96 -2.83 -5.43
CB MSE A 70 -1.95 -2.40 -8.48
CG MSE A 70 -2.28 -2.20 -9.94
SE MSE A 70 -2.10 -3.82 -11.02
CE MSE A 70 -0.23 -3.67 -11.46
N THR A 71 -1.38 -4.31 -5.98
CA THR A 71 -0.89 -4.41 -4.62
C THR A 71 0.63 -4.48 -4.59
N PHE A 72 1.24 -3.66 -3.74
CA PHE A 72 2.69 -3.63 -3.59
C PHE A 72 3.10 -4.55 -2.47
N HIS A 73 4.25 -5.20 -2.65
CA HIS A 73 4.82 -6.09 -1.65
C HIS A 73 6.33 -5.84 -1.70
N TYR A 74 6.97 -5.80 -0.54
CA TYR A 74 8.41 -5.61 -0.51
C TYR A 74 9.02 -6.19 0.75
N ILE A 75 10.34 -6.36 0.72
CA ILE A 75 11.08 -6.82 1.88
C ILE A 75 12.32 -5.94 1.94
N ILE A 76 12.85 -5.76 3.15
CA ILE A 76 14.05 -4.98 3.33
C ILE A 76 15.03 -5.91 4.04
N GLU A 77 16.16 -6.14 3.37
CA GLU A 77 17.22 -7.00 3.86
C GLU A 77 18.54 -6.35 3.45
N GLN A 78 19.49 -6.25 4.37
CA GLN A 78 20.80 -5.63 4.12
C GLN A 78 20.75 -4.23 3.49
N GLY A 79 19.76 -3.44 3.90
CA GLY A 79 19.67 -2.09 3.37
C GLY A 79 19.22 -1.97 1.94
N VAL A 80 18.63 -3.04 1.40
CA VAL A 80 18.13 -3.05 0.03
C VAL A 80 16.64 -3.39 0.06
N CYS A 81 15.84 -2.60 -0.66
CA CYS A 81 14.41 -2.84 -0.71
C CYS A 81 14.02 -3.56 -1.99
N TYR A 82 13.43 -4.74 -1.86
CA TYR A 82 13.01 -5.50 -3.01
C TYR A 82 11.51 -5.27 -3.10
N LEU A 83 11.07 -4.61 -4.17
CA LEU A 83 9.66 -4.27 -4.33
C LEU A 83 9.05 -4.85 -5.57
N VAL A 84 7.80 -5.29 -5.47
CA VAL A 84 7.09 -5.87 -6.61
C VAL A 84 5.64 -5.42 -6.61
N LEU A 85 5.15 -5.02 -7.77
CA LEU A 85 3.77 -4.59 -7.88
C LEU A 85 3.03 -5.60 -8.74
N CYS A 86 1.85 -6.02 -8.29
CA CYS A 86 1.07 -6.98 -9.06
C CYS A 86 -0.42 -6.88 -8.84
N GLU A 87 -1.17 -7.68 -9.59
CA GLU A 87 -2.64 -7.69 -9.48
C GLU A 87 -3.01 -8.02 -8.03
N ALA A 88 -4.05 -7.36 -7.53
CA ALA A 88 -4.51 -7.61 -6.16
C ALA A 88 -4.70 -9.11 -5.96
N ALA A 89 -5.22 -9.77 -6.99
CA ALA A 89 -5.50 -11.21 -6.96
C ALA A 89 -4.31 -12.14 -6.76
N PHE A 90 -3.11 -11.68 -7.11
CA PHE A 90 -1.91 -12.50 -6.99
C PHE A 90 -1.61 -12.95 -5.54
N PRO A 91 -1.35 -14.25 -5.35
CA PRO A 91 -1.07 -14.79 -4.02
C PRO A 91 0.06 -14.09 -3.27
N LYS A 92 -0.31 -13.42 -2.18
CA LYS A 92 0.63 -12.71 -1.34
C LYS A 92 1.86 -13.58 -1.07
N LYS A 93 1.62 -14.77 -0.57
CA LYS A 93 2.68 -15.71 -0.24
C LYS A 93 3.66 -15.92 -1.39
N LEU A 94 3.15 -15.92 -2.62
CA LEU A 94 4.01 -16.09 -3.80
C LEU A 94 4.95 -14.88 -3.97
N ALA A 95 4.38 -13.69 -3.96
CA ALA A 95 5.14 -12.45 -4.11
C ALA A 95 6.39 -12.42 -3.23
N PHE A 96 6.26 -12.89 -2.00
CA PHE A 96 7.40 -12.87 -1.09
C PHE A 96 8.46 -13.90 -1.38
N ALA A 97 8.07 -15.01 -2.00
CA ALA A 97 9.03 -16.05 -2.37
C ALA A 97 9.81 -15.48 -3.53
N TYR A 98 9.08 -14.83 -4.44
CA TYR A 98 9.69 -14.20 -5.60
C TYR A 98 10.74 -13.24 -5.09
N LEU A 99 10.34 -12.37 -4.17
CA LEU A 99 11.25 -11.39 -3.59
C LEU A 99 12.42 -12.09 -2.90
N GLU A 100 12.11 -13.14 -2.14
CA GLU A 100 13.14 -13.91 -1.41
C GLU A 100 14.18 -14.47 -2.36
N ASP A 101 13.73 -15.02 -3.48
CA ASP A 101 14.69 -15.56 -4.43
C ASP A 101 15.58 -14.45 -4.94
N LEU A 102 14.99 -13.28 -5.22
CA LEU A 102 15.78 -12.16 -5.72
C LEU A 102 16.81 -11.69 -4.70
N HIS A 103 16.40 -11.59 -3.45
CA HIS A 103 17.27 -11.17 -2.35
C HIS A 103 18.52 -12.05 -2.23
N SER A 104 18.32 -13.31 -1.84
CA SER A 104 19.44 -14.23 -1.66
C SER A 104 20.43 -14.23 -2.83
N GLU A 105 19.92 -14.08 -4.05
CA GLU A 105 20.80 -14.07 -5.21
C GLU A 105 21.51 -12.74 -5.31
N PHE A 106 20.77 -11.66 -5.06
CA PHE A 106 21.35 -10.31 -5.13
C PHE A 106 22.43 -10.07 -4.07
N ASP A 107 22.12 -10.34 -2.81
CA ASP A 107 23.08 -10.12 -1.74
C ASP A 107 24.33 -10.97 -1.95
N GLU A 108 24.09 -12.22 -2.29
CA GLU A 108 25.19 -13.15 -2.53
C GLU A 108 26.09 -12.61 -3.62
N GLN A 109 25.49 -12.13 -4.71
CA GLN A 109 26.27 -11.61 -5.81
C GLN A 109 26.70 -10.13 -5.75
N HIS A 110 26.03 -9.31 -4.95
CA HIS A 110 26.40 -7.88 -4.92
C HIS A 110 26.38 -7.13 -3.58
N GLY A 111 26.12 -7.84 -2.49
CA GLY A 111 26.05 -7.20 -1.18
C GLY A 111 27.20 -6.28 -0.83
N LYS A 112 28.43 -6.74 -1.07
CA LYS A 112 29.62 -5.97 -0.74
C LYS A 112 29.75 -4.67 -1.53
N LYS A 113 29.31 -4.69 -2.77
CA LYS A 113 29.41 -3.51 -3.61
C LYS A 113 28.19 -2.58 -3.49
N VAL A 114 27.04 -3.12 -3.11
CA VAL A 114 25.81 -2.32 -2.97
C VAL A 114 25.92 -1.05 -2.14
N PRO A 115 26.57 -1.10 -0.97
CA PRO A 115 26.65 0.12 -0.17
C PRO A 115 27.61 1.22 -0.62
N THR A 116 28.35 1.01 -1.70
CA THR A 116 29.31 2.02 -2.18
C THR A 116 29.08 2.57 -3.59
N VAL A 117 28.16 1.98 -4.33
CA VAL A 117 27.88 2.47 -5.68
C VAL A 117 27.23 3.85 -5.58
N SER A 118 27.38 4.65 -6.65
CA SER A 118 26.78 5.97 -6.65
C SER A 118 25.99 6.23 -7.92
N ARG A 119 26.26 5.45 -8.96
CA ARG A 119 25.55 5.61 -10.22
C ARG A 119 24.27 4.80 -10.13
N PRO A 120 23.17 5.31 -10.68
CA PRO A 120 21.91 4.58 -10.63
C PRO A 120 21.93 3.36 -11.55
N TYR A 121 21.19 2.32 -11.15
CA TYR A 121 21.15 1.08 -11.92
C TYR A 121 22.56 0.55 -12.24
N SER A 122 23.40 0.45 -11.21
CA SER A 122 24.76 -0.04 -11.39
C SER A 122 24.75 -1.56 -11.49
N PHE A 123 23.56 -2.14 -11.40
CA PHE A 123 23.45 -3.59 -11.49
C PHE A 123 22.45 -4.04 -12.55
N ILE A 124 22.44 -3.35 -13.68
CA ILE A 124 21.54 -3.70 -14.78
C ILE A 124 21.66 -5.19 -15.04
N GLU A 125 22.89 -5.66 -14.99
CA GLU A 125 23.23 -7.06 -15.20
C GLU A 125 22.20 -7.94 -14.51
N PHE A 126 21.87 -7.61 -13.26
CA PHE A 126 20.91 -8.40 -12.49
C PHE A 126 19.53 -8.48 -13.10
N ASP A 127 19.21 -7.55 -14.02
CA ASP A 127 17.90 -7.55 -14.67
C ASP A 127 17.62 -8.91 -15.27
N THR A 128 18.66 -9.51 -15.86
CA THR A 128 18.52 -10.83 -16.47
C THR A 128 18.00 -11.85 -15.46
N PHE A 129 18.60 -11.88 -14.27
CA PHE A 129 18.15 -12.82 -13.25
C PHE A 129 16.71 -12.56 -12.87
N ILE A 130 16.34 -11.29 -12.74
CA ILE A 130 14.97 -10.95 -12.39
C ILE A 130 14.02 -11.53 -13.43
N GLN A 131 14.33 -11.30 -14.71
CA GLN A 131 13.50 -11.79 -15.80
C GLN A 131 13.37 -13.32 -15.73
N LYS A 132 14.50 -14.01 -15.67
CA LYS A 132 14.49 -15.47 -15.57
C LYS A 132 13.70 -15.94 -14.34
N THR A 133 13.87 -15.27 -13.20
CA THR A 133 13.15 -15.66 -11.98
C THR A 133 11.66 -15.38 -12.12
N LYS A 134 11.33 -14.32 -12.83
CA LYS A 134 9.94 -13.95 -13.02
C LYS A 134 9.14 -15.07 -13.70
N LYS A 135 9.64 -15.54 -14.84
CA LYS A 135 8.98 -16.60 -15.61
C LYS A 135 8.48 -17.71 -14.71
N LEU A 136 9.35 -18.15 -13.81
CA LEU A 136 9.02 -19.23 -12.89
C LEU A 136 7.82 -19.01 -11.98
N TYR A 137 7.44 -17.77 -11.74
CA TYR A 137 6.30 -17.52 -10.87
C TYR A 137 5.01 -17.21 -11.64
N ILE A 138 5.09 -16.29 -12.60
CA ILE A 138 3.92 -15.95 -13.38
C ILE A 138 3.73 -17.07 -14.41
N GLY B 11 -13.00 -12.86 14.54
CA GLY B 11 -11.72 -12.08 14.52
C GLY B 11 -12.01 -10.58 14.36
N SER B 12 -11.48 -9.79 15.29
CA SER B 12 -11.67 -8.34 15.27
C SER B 12 -10.90 -7.64 14.16
N VAL B 13 -11.55 -7.44 13.01
CA VAL B 13 -10.92 -6.78 11.87
C VAL B 13 -11.04 -5.26 11.92
N LEU B 14 -10.22 -4.58 11.12
CA LEU B 14 -10.26 -3.13 11.08
C LEU B 14 -10.07 -2.69 9.63
N LEU B 15 -10.94 -3.21 8.77
CA LEU B 15 -10.93 -2.92 7.34
C LEU B 15 -10.99 -1.41 7.17
N THR B 16 -9.86 -0.83 6.79
CA THR B 16 -9.72 0.61 6.63
C THR B 16 -9.55 1.10 5.22
N MSE B 17 -10.20 2.24 4.98
CA MSE B 17 -10.19 2.90 3.68
C MSE B 17 -10.20 4.41 3.93
O MSE B 17 -10.99 4.89 4.74
CB MSE B 17 -11.43 2.50 2.88
CG MSE B 17 -11.74 3.39 1.70
SE MSE B 17 -10.64 3.15 0.11
CE MSE B 17 -11.88 2.03 -0.84
N ILE B 18 -9.31 5.14 3.29
CA ILE B 18 -9.25 6.58 3.45
C ILE B 18 -9.48 7.18 2.08
N ALA B 19 -10.42 8.10 1.97
CA ALA B 19 -10.70 8.71 0.67
C ALA B 19 -11.08 10.19 0.78
N ARG B 20 -10.89 10.91 -0.32
CA ARG B 20 -11.20 12.33 -0.42
C ARG B 20 -12.71 12.55 -0.54
N VAL B 21 -13.27 13.40 0.32
CA VAL B 21 -14.71 13.61 0.28
C VAL B 21 -15.26 14.19 -1.02
N ALA B 22 -14.55 15.15 -1.58
CA ALA B 22 -15.00 15.80 -2.81
C ALA B 22 -15.47 14.85 -3.90
N ASP B 23 -14.64 13.86 -4.21
CA ASP B 23 -14.96 12.93 -5.29
C ASP B 23 -14.82 11.46 -4.91
N GLY B 24 -14.58 11.17 -3.64
CA GLY B 24 -14.44 9.78 -3.26
C GLY B 24 -13.10 9.17 -3.66
N LEU B 25 -12.17 10.01 -4.14
CA LEU B 25 -10.86 9.49 -4.55
C LEU B 25 -10.11 8.74 -3.45
N PRO B 26 -9.74 7.49 -3.70
CA PRO B 26 -9.01 6.66 -2.75
C PRO B 26 -7.66 7.31 -2.46
N LEU B 27 -7.24 7.31 -1.20
CA LEU B 27 -5.94 7.89 -0.85
C LEU B 27 -5.00 6.82 -0.31
N ALA B 28 -5.52 5.95 0.55
CA ALA B 28 -4.76 4.86 1.14
C ALA B 28 -5.74 3.84 1.72
N ALA B 29 -5.33 2.59 1.82
CA ALA B 29 -6.25 1.58 2.34
C ALA B 29 -5.58 0.34 2.90
N SER B 30 -6.34 -0.38 3.72
CA SER B 30 -5.89 -1.60 4.35
C SER B 30 -7.17 -2.39 4.68
N MSE B 31 -7.61 -3.20 3.72
CA MSE B 31 -8.82 -4.00 3.87
C MSE B 31 -8.68 -5.48 3.52
O MSE B 31 -9.58 -6.27 3.81
CB MSE B 31 -9.94 -3.42 3.01
CG MSE B 31 -10.28 -1.99 3.31
SE MSE B 31 -11.64 -1.40 2.09
CE MSE B 31 -10.70 -1.80 0.46
N GLN B 32 -7.57 -5.85 2.89
CA GLN B 32 -7.38 -7.25 2.55
C GLN B 32 -6.96 -8.05 3.76
N GLU B 33 -7.95 -8.63 4.42
CA GLU B 33 -7.72 -9.42 5.62
C GLU B 33 -7.35 -10.85 5.25
N ASP B 34 -6.34 -11.38 5.93
CA ASP B 34 -5.85 -12.73 5.68
C ASP B 34 -7.00 -13.73 5.75
N GLU B 35 -7.32 -14.30 4.59
CA GLU B 35 -8.38 -15.29 4.46
C GLU B 35 -9.77 -14.74 4.67
N GLN B 36 -10.39 -14.34 3.57
CA GLN B 36 -11.75 -13.80 3.51
C GLN B 36 -12.09 -13.83 2.04
N SER B 37 -13.38 -13.99 1.72
CA SER B 37 -13.78 -14.06 0.32
C SER B 37 -13.56 -12.73 -0.40
N GLY B 38 -13.23 -12.82 -1.69
CA GLY B 38 -13.03 -11.63 -2.50
C GLY B 38 -14.43 -11.11 -2.76
N ARG B 39 -15.40 -11.84 -2.22
CA ARG B 39 -16.81 -11.51 -2.35
C ARG B 39 -17.20 -10.53 -1.23
N ASP B 40 -16.78 -10.83 0.00
CA ASP B 40 -17.09 -9.94 1.12
C ASP B 40 -16.35 -8.63 0.87
N LEU B 41 -15.07 -8.74 0.52
CA LEU B 41 -14.21 -7.60 0.25
C LEU B 41 -14.84 -6.67 -0.79
N GLN B 42 -15.13 -7.22 -1.97
CA GLN B 42 -15.73 -6.45 -3.04
C GLN B 42 -17.03 -5.78 -2.58
N GLN B 43 -17.81 -6.49 -1.77
CA GLN B 43 -19.06 -5.96 -1.25
C GLN B 43 -18.74 -4.77 -0.37
N TYR B 44 -17.81 -4.97 0.56
CA TYR B 44 -17.39 -3.93 1.48
C TYR B 44 -16.85 -2.74 0.70
N GLN B 45 -15.92 -3.01 -0.22
CA GLN B 45 -15.36 -1.95 -1.03
C GLN B 45 -16.47 -1.15 -1.71
N SER B 46 -17.48 -1.87 -2.21
CA SER B 46 -18.60 -1.20 -2.87
C SER B 46 -19.32 -0.27 -1.92
N GLN B 47 -19.77 -0.79 -0.78
CA GLN B 47 -20.48 0.04 0.19
C GLN B 47 -19.64 1.25 0.58
N ALA B 48 -18.32 1.08 0.60
CA ALA B 48 -17.41 2.18 0.92
C ALA B 48 -17.52 3.24 -0.19
N LYS B 49 -17.38 2.80 -1.44
CA LYS B 49 -17.47 3.68 -2.58
C LYS B 49 -18.85 4.34 -2.64
N GLN B 50 -19.90 3.57 -2.34
CA GLN B 50 -21.24 4.14 -2.36
C GLN B 50 -21.37 5.20 -1.27
N LEU B 51 -20.74 4.96 -0.13
CA LEU B 51 -20.82 5.89 0.98
C LEU B 51 -20.12 7.22 0.71
N PHE B 52 -18.93 7.15 0.11
CA PHE B 52 -18.16 8.35 -0.20
C PHE B 52 -18.90 9.28 -1.15
N ARG B 53 -19.40 8.71 -2.24
CA ARG B 53 -20.15 9.45 -3.25
C ARG B 53 -21.30 10.26 -2.65
N LYS B 54 -21.93 9.70 -1.61
CA LYS B 54 -23.08 10.33 -0.97
C LYS B 54 -22.75 11.29 0.19
N LEU B 55 -21.49 11.68 0.33
CA LEU B 55 -21.09 12.58 1.41
C LEU B 55 -20.91 14.02 0.95
N ASN B 56 -21.32 14.96 1.80
CA ASN B 56 -21.17 16.37 1.52
C ASN B 56 -21.07 17.09 2.84
N GLU B 57 -21.20 18.41 2.83
CA GLU B 57 -21.08 19.22 4.05
C GLU B 57 -22.27 19.02 4.99
N GLN B 58 -23.31 18.37 4.50
CA GLN B 58 -24.49 18.13 5.33
C GLN B 58 -24.33 16.85 6.15
N SER B 59 -23.40 15.99 5.74
CA SER B 59 -23.18 14.74 6.44
C SER B 59 -22.46 14.92 7.78
N PRO B 60 -22.72 14.02 8.74
CA PRO B 60 -22.08 14.10 10.06
C PRO B 60 -20.59 14.00 9.90
N THR B 61 -19.86 14.53 10.87
CA THR B 61 -18.40 14.52 10.86
C THR B 61 -17.87 13.26 11.49
N ARG B 62 -18.67 12.68 12.38
CA ARG B 62 -18.33 11.44 13.07
C ARG B 62 -19.58 10.61 12.90
N CYS B 63 -19.44 9.32 12.62
CA CYS B 63 -20.64 8.55 12.40
C CYS B 63 -20.50 7.04 12.49
N THR B 64 -21.54 6.41 13.00
CA THR B 64 -21.58 4.96 13.13
C THR B 64 -22.75 4.50 12.28
N LEU B 65 -22.52 3.47 11.47
CA LEU B 65 -23.56 2.95 10.60
C LEU B 65 -23.62 1.44 10.71
N GLU B 66 -24.72 0.94 11.26
CA GLU B 66 -24.90 -0.49 11.44
C GLU B 66 -25.17 -1.16 10.11
N ALA B 67 -24.62 -2.36 9.92
CA ALA B 67 -24.84 -3.10 8.68
C ALA B 67 -24.86 -4.61 8.92
N GLY B 68 -25.70 -5.04 9.86
CA GLY B 68 -25.80 -6.47 10.17
C GLY B 68 -24.61 -6.99 10.94
N ALA B 69 -23.98 -8.03 10.39
CA ALA B 69 -22.82 -8.64 11.02
C ALA B 69 -21.70 -7.61 11.19
N MSE B 70 -21.65 -6.65 10.27
CA MSE B 70 -20.62 -5.61 10.28
C MSE B 70 -21.14 -4.23 10.65
O MSE B 70 -22.35 -3.98 10.63
CB MSE B 70 -19.95 -5.53 8.90
CG MSE B 70 -19.40 -6.85 8.37
SE MSE B 70 -18.01 -7.60 9.51
CE MSE B 70 -16.54 -6.52 8.92
N THR B 71 -20.22 -3.33 10.98
CA THR B 71 -20.56 -1.97 11.35
C THR B 71 -19.50 -0.99 10.82
N PHE B 72 -19.96 0.03 10.10
CA PHE B 72 -19.06 1.04 9.54
C PHE B 72 -18.96 2.21 10.49
N HIS B 73 -17.75 2.75 10.63
CA HIS B 73 -17.50 3.90 11.49
C HIS B 73 -16.60 4.79 10.65
N TYR B 74 -16.80 6.10 10.72
CA TYR B 74 -15.97 6.98 9.94
C TYR B 74 -15.96 8.37 10.51
N ILE B 75 -15.00 9.18 10.09
CA ILE B 75 -14.89 10.58 10.51
C ILE B 75 -14.44 11.39 9.30
N ILE B 76 -14.83 12.66 9.29
CA ILE B 76 -14.46 13.57 8.20
C ILE B 76 -13.71 14.77 8.75
N GLU B 77 -12.51 15.00 8.23
CA GLU B 77 -11.68 16.12 8.66
C GLU B 77 -10.88 16.63 7.47
N GLN B 78 -10.77 17.95 7.34
CA GLN B 78 -10.02 18.56 6.24
C GLN B 78 -10.41 18.00 4.86
N GLY B 79 -11.68 17.65 4.69
CA GLY B 79 -12.14 17.13 3.41
C GLY B 79 -11.78 15.68 3.15
N VAL B 80 -11.32 14.99 4.19
CA VAL B 80 -10.95 13.59 4.05
C VAL B 80 -11.84 12.69 4.92
N CYS B 81 -12.22 11.54 4.37
CA CYS B 81 -13.06 10.61 5.10
C CYS B 81 -12.30 9.37 5.50
N TYR B 82 -12.08 9.22 6.81
CA TYR B 82 -11.38 8.07 7.37
C TYR B 82 -12.48 7.08 7.76
N LEU B 83 -12.54 5.97 7.05
CA LEU B 83 -13.56 4.95 7.26
C LEU B 83 -13.02 3.61 7.72
N VAL B 84 -13.72 3.00 8.66
CA VAL B 84 -13.28 1.70 9.14
C VAL B 84 -14.46 0.76 9.25
N LEU B 85 -14.24 -0.50 8.89
CA LEU B 85 -15.28 -1.51 8.96
C LEU B 85 -14.84 -2.62 9.92
N CYS B 86 -15.74 -3.04 10.80
CA CYS B 86 -15.42 -4.09 11.76
C CYS B 86 -16.65 -4.77 12.35
N GLU B 87 -16.49 -6.02 12.75
CA GLU B 87 -17.58 -6.80 13.36
C GLU B 87 -18.44 -5.89 14.23
N ALA B 88 -19.74 -6.17 14.24
CA ALA B 88 -20.67 -5.38 15.03
C ALA B 88 -20.27 -5.24 16.51
N ALA B 89 -19.67 -6.30 17.06
CA ALA B 89 -19.27 -6.31 18.46
C ALA B 89 -18.12 -5.36 18.86
N PHE B 90 -17.35 -4.90 17.89
CA PHE B 90 -16.24 -4.00 18.18
C PHE B 90 -16.69 -2.77 18.97
N PRO B 91 -15.85 -2.28 19.89
CA PRO B 91 -16.14 -1.11 20.72
C PRO B 91 -16.15 0.20 19.95
N LYS B 92 -17.35 0.71 19.69
CA LYS B 92 -17.51 1.96 18.97
C LYS B 92 -16.47 2.97 19.48
N LYS B 93 -16.31 3.00 20.80
CA LYS B 93 -15.38 3.92 21.47
C LYS B 93 -13.95 3.95 20.91
N LEU B 94 -13.41 2.78 20.61
CA LEU B 94 -12.04 2.67 20.10
C LEU B 94 -11.88 2.91 18.61
N ALA B 95 -12.80 2.37 17.82
CA ALA B 95 -12.75 2.54 16.37
C ALA B 95 -12.42 4.00 16.08
N PHE B 96 -13.08 4.90 16.78
CA PHE B 96 -12.83 6.32 16.56
C PHE B 96 -11.44 6.71 17.03
N ALA B 97 -10.93 6.02 18.05
CA ALA B 97 -9.60 6.32 18.56
C ALA B 97 -8.61 6.00 17.45
N TYR B 98 -8.85 4.87 16.80
CA TYR B 98 -8.02 4.40 15.69
C TYR B 98 -8.09 5.41 14.54
N LEU B 99 -9.31 5.80 14.17
CA LEU B 99 -9.47 6.75 13.08
C LEU B 99 -8.84 8.09 13.41
N GLU B 100 -8.87 8.47 14.69
CA GLU B 100 -8.29 9.74 15.11
C GLU B 100 -6.78 9.77 14.92
N ASP B 101 -6.12 8.66 15.25
CA ASP B 101 -4.68 8.58 15.11
C ASP B 101 -4.28 8.70 13.65
N LEU B 102 -5.00 7.98 12.79
CA LEU B 102 -4.71 8.02 11.37
C LEU B 102 -4.86 9.44 10.84
N HIS B 103 -5.91 10.12 11.28
CA HIS B 103 -6.16 11.50 10.86
C HIS B 103 -5.00 12.47 11.13
N SER B 104 -4.69 12.66 12.41
CA SER B 104 -3.63 13.59 12.79
C SER B 104 -2.34 13.30 12.04
N GLU B 105 -1.97 12.03 11.95
CA GLU B 105 -0.77 11.66 11.25
C GLU B 105 -0.90 11.96 9.75
N PHE B 106 -2.04 11.57 9.16
CA PHE B 106 -2.27 11.80 7.74
C PHE B 106 -2.29 13.28 7.37
N ASP B 107 -3.14 14.06 8.04
CA ASP B 107 -3.20 15.49 7.74
C ASP B 107 -1.84 16.17 7.85
N GLU B 108 -1.09 15.86 8.91
CA GLU B 108 0.23 16.46 9.09
C GLU B 108 1.12 16.10 7.92
N GLN B 109 1.08 14.83 7.51
CA GLN B 109 1.90 14.34 6.41
C GLN B 109 1.46 14.66 4.98
N HIS B 110 0.15 14.78 4.75
CA HIS B 110 -0.31 15.01 3.38
C HIS B 110 -1.45 16.00 3.16
N GLY B 111 -2.05 16.47 4.25
CA GLY B 111 -3.15 17.41 4.14
C GLY B 111 -3.07 18.50 3.09
N LYS B 112 -1.87 19.02 2.83
CA LYS B 112 -1.71 20.10 1.85
C LYS B 112 -1.67 19.64 0.42
N LYS B 113 -1.53 18.34 0.18
CA LYS B 113 -1.50 17.87 -1.19
C LYS B 113 -2.83 17.22 -1.56
N VAL B 114 -3.55 16.78 -0.55
CA VAL B 114 -4.83 16.11 -0.72
C VAL B 114 -5.81 16.77 -1.70
N PRO B 115 -6.00 18.08 -1.60
CA PRO B 115 -6.95 18.69 -2.52
C PRO B 115 -6.56 18.79 -4.00
N THR B 116 -5.35 18.36 -4.36
CA THR B 116 -4.94 18.43 -5.75
C THR B 116 -4.48 17.13 -6.43
N VAL B 117 -4.32 16.04 -5.69
CA VAL B 117 -3.91 14.81 -6.36
C VAL B 117 -5.05 14.38 -7.28
N SER B 118 -4.75 13.55 -8.28
CA SER B 118 -5.75 13.10 -9.22
C SER B 118 -5.68 11.61 -9.50
N ARG B 119 -4.60 10.97 -9.05
CA ARG B 119 -4.46 9.54 -9.26
C ARG B 119 -4.84 8.83 -7.98
N PRO B 120 -5.65 7.77 -8.09
CA PRO B 120 -6.06 7.03 -6.90
C PRO B 120 -4.83 6.51 -6.19
N TYR B 121 -4.95 6.29 -4.88
CA TYR B 121 -3.85 5.77 -4.07
C TYR B 121 -2.52 6.46 -4.24
N SER B 122 -2.53 7.79 -4.29
CA SER B 122 -1.28 8.54 -4.42
C SER B 122 -0.55 8.58 -3.08
N PHE B 123 -1.13 7.95 -2.06
CA PHE B 123 -0.51 7.93 -0.76
C PHE B 123 -0.35 6.53 -0.19
N ILE B 124 -0.06 5.55 -1.07
CA ILE B 124 0.12 4.16 -0.63
C ILE B 124 1.08 4.06 0.56
N GLU B 125 2.06 4.95 0.58
CA GLU B 125 3.05 4.97 1.66
C GLU B 125 2.37 4.85 3.02
N PHE B 126 1.38 5.70 3.25
CA PHE B 126 0.63 5.73 4.51
C PHE B 126 0.07 4.36 4.91
N ASP B 127 -0.02 3.44 3.95
CA ASP B 127 -0.55 2.10 4.24
C ASP B 127 0.28 1.50 5.38
N THR B 128 1.57 1.79 5.37
CA THR B 128 2.47 1.27 6.39
C THR B 128 2.04 1.74 7.78
N PHE B 129 1.73 3.03 7.90
CA PHE B 129 1.31 3.60 9.17
C PHE B 129 0.01 2.97 9.65
N ILE B 130 -0.96 2.91 8.74
CA ILE B 130 -2.26 2.32 9.03
C ILE B 130 -2.06 0.97 9.69
N GLN B 131 -1.38 0.06 9.00
CA GLN B 131 -1.15 -1.28 9.53
C GLN B 131 -0.49 -1.27 10.92
N LYS B 132 0.47 -0.37 11.12
CA LYS B 132 1.15 -0.28 12.40
C LYS B 132 0.12 0.11 13.45
N THR B 133 -0.57 1.22 13.20
CA THR B 133 -1.58 1.73 14.12
C THR B 133 -2.64 0.68 14.40
N LYS B 134 -2.93 -0.13 13.39
CA LYS B 134 -3.95 -1.18 13.49
C LYS B 134 -3.67 -2.25 14.54
N LYS B 135 -2.40 -2.47 14.85
CA LYS B 135 -2.04 -3.48 15.83
C LYS B 135 -2.34 -2.99 17.25
N LEU B 136 -2.06 -1.72 17.51
CA LEU B 136 -2.32 -1.13 18.82
C LEU B 136 -3.79 -1.11 19.16
N TYR B 137 -4.60 -1.84 18.39
CA TYR B 137 -6.04 -1.89 18.64
C TYR B 137 -6.69 -3.28 18.63
N ILE B 138 -6.62 -4.00 17.51
CA ILE B 138 -7.22 -5.33 17.44
C ILE B 138 -6.26 -6.40 17.98
C1 GOL C . 30.05 -7.85 -9.31
O1 GOL C . 29.14 -7.16 -8.46
C2 GOL C . 31.00 -6.87 -9.98
O2 GOL C . 31.92 -7.59 -10.82
C3 GOL C . 31.79 -6.09 -8.93
O3 GOL C . 32.59 -5.09 -9.54
C1 GOL D . 2.81 12.17 -6.78
O1 GOL D . 3.62 11.39 -7.65
C2 GOL D . 1.81 11.28 -6.03
O2 GOL D . 0.86 10.74 -6.94
C3 GOL D . 1.07 12.11 -4.97
O3 GOL D . 1.98 12.63 -4.00
#